data_3TQJ
#
_entry.id   3TQJ
#
_cell.length_a   60.102
_cell.length_b   65.285
_cell.length_c   110.069
_cell.angle_alpha   90.00
_cell.angle_beta   90.00
_cell.angle_gamma   90.00
#
_symmetry.space_group_name_H-M   'P 21 21 21'
#
loop_
_entity.id
_entity.type
_entity.pdbx_description
1 polymer 'Superoxide dismutase [Fe]'
2 non-polymer 'FE (II) ION'
3 water water
#
_entity_poly.entity_id   1
_entity_poly.type   'polypeptide(L)'
_entity_poly.pdbx_seq_one_letter_code
;MAFELPDLPYKLNALEPHISQETLEYHHGKHHRAYVNKLNKLIEGTPFEKEPLEEIIRKSDGGIFNNAAQHWNHTFYWHC
MSPDGGGDPSGELASAIDKTFGSLEKFKALFTDSANNHFGSGWAWLVKDNNGKLEVLSTVNARNPMTEGKKPLMTCDVWE
HAYYIDTRNDRPKYVNNFWQVVNWDFVMKNFKSENLYFQGHHHHHHHHHH
;
_entity_poly.pdbx_strand_id   A,B
#
# COMPACT_ATOMS: atom_id res chain seq x y z
N ALA A 2 25.30 -5.43 -7.85
CA ALA A 2 26.07 -4.20 -8.20
C ALA A 2 25.68 -3.01 -7.32
N PHE A 3 24.41 -2.94 -6.93
CA PHE A 3 23.93 -1.83 -6.10
C PHE A 3 24.05 -2.14 -4.60
N GLU A 4 24.22 -1.08 -3.82
CA GLU A 4 24.44 -1.19 -2.39
C GLU A 4 23.40 -0.37 -1.65
N LEU A 5 23.08 -0.79 -0.42
CA LEU A 5 22.26 0.00 0.48
C LEU A 5 23.11 1.17 0.96
N PRO A 6 22.69 2.41 0.64
CA PRO A 6 23.46 3.53 1.16
C PRO A 6 23.25 3.70 2.66
N ASP A 7 24.28 4.18 3.36
CA ASP A 7 24.14 4.51 4.78
C ASP A 7 23.10 5.62 4.94
N LEU A 8 22.39 5.61 6.07
CA LEU A 8 21.50 6.73 6.38
C LEU A 8 22.35 7.99 6.55
N PRO A 9 21.85 9.15 6.08
CA PRO A 9 22.59 10.40 6.26
C PRO A 9 22.64 10.92 7.71
N TYR A 10 22.08 10.16 8.66
CA TYR A 10 22.01 10.55 10.06
C TYR A 10 21.79 9.31 10.93
N LYS A 11 21.95 9.47 12.24
CA LYS A 11 21.75 8.38 13.19
C LYS A 11 20.28 7.95 13.20
N LEU A 12 20.07 6.71 13.63
CA LEU A 12 18.73 6.11 13.66
C LEU A 12 17.74 6.85 14.56
N ASN A 13 18.23 7.52 15.60
CA ASN A 13 17.38 8.29 16.51
C ASN A 13 17.34 9.79 16.21
N ALA A 14 17.91 10.19 15.06
CA ALA A 14 18.09 11.61 14.73
C ALA A 14 16.80 12.34 14.36
N LEU A 15 15.78 11.59 13.94
CA LEU A 15 14.51 12.20 13.52
C LEU A 15 13.45 12.15 14.63
N GLU A 16 13.84 11.63 15.80
CA GLU A 16 12.96 11.59 16.96
C GLU A 16 12.59 13.02 17.38
N PRO A 17 11.36 13.22 17.86
CA PRO A 17 10.27 12.25 18.03
C PRO A 17 9.33 12.23 16.83
N HIS A 18 9.76 12.78 15.69
CA HIS A 18 8.89 12.95 14.53
C HIS A 18 8.82 11.65 13.71
N ILE A 19 9.95 10.99 13.54
CA ILE A 19 10.00 9.63 13.00
C ILE A 19 10.89 8.79 13.91
N SER A 20 10.36 7.66 14.37
CA SER A 20 11.01 6.88 15.43
C SER A 20 12.23 6.12 14.94
N GLN A 21 13.08 5.74 15.89
CA GLN A 21 14.20 4.84 15.59
C GLN A 21 13.70 3.51 15.04
N GLU A 22 12.63 2.97 15.64
CA GLU A 22 12.07 1.70 15.18
C GLU A 22 11.66 1.76 13.72
N THR A 23 10.98 2.83 13.33
CA THR A 23 10.60 3.02 11.94
C THR A 23 11.82 3.02 11.02
N LEU A 24 12.84 3.79 11.37
CA LEU A 24 14.05 3.85 10.54
C LEU A 24 14.75 2.49 10.46
N GLU A 25 14.79 1.77 11.58
CA GLU A 25 15.34 0.41 11.60
C GLU A 25 14.62 -0.51 10.60
N TYR A 26 13.29 -0.52 10.62
CA TYR A 26 12.52 -1.34 9.68
C TYR A 26 12.55 -0.77 8.25
N HIS A 27 12.31 0.53 8.14
CA HIS A 27 12.15 1.16 6.82
C HIS A 27 13.46 1.11 6.01
N HIS A 28 14.57 1.48 6.64
CA HIS A 28 15.88 1.44 5.99
C HIS A 28 16.47 0.03 6.07
N GLY A 29 16.57 -0.50 7.28
CA GLY A 29 17.29 -1.76 7.52
C GLY A 29 16.65 -3.03 6.99
N LYS A 30 15.36 -2.98 6.69
CA LYS A 30 14.67 -4.13 6.11
C LYS A 30 14.01 -3.84 4.76
N HIS A 31 13.15 -2.83 4.69
CA HIS A 31 12.44 -2.51 3.44
C HIS A 31 13.39 -2.08 2.32
N HIS A 32 14.22 -1.06 2.58
CA HIS A 32 15.15 -0.54 1.58
C HIS A 32 16.21 -1.60 1.24
N ARG A 33 16.75 -2.23 2.27
CA ARG A 33 17.72 -3.32 2.11
C ARG A 33 17.18 -4.42 1.19
N ALA A 34 15.92 -4.78 1.37
CA ALA A 34 15.27 -5.79 0.52
C ALA A 34 15.19 -5.37 -0.94
N TYR A 35 14.82 -4.12 -1.19
CA TYR A 35 14.75 -3.59 -2.55
C TYR A 35 16.10 -3.68 -3.26
N VAL A 36 17.17 -3.37 -2.54
CA VAL A 36 18.52 -3.44 -3.10
C VAL A 36 18.85 -4.88 -3.46
N ASN A 37 18.63 -5.80 -2.53
CA ASN A 37 18.94 -7.22 -2.74
C ASN A 37 18.13 -7.84 -3.88
N LYS A 38 16.83 -7.55 -3.93
CA LYS A 38 15.97 -8.06 -4.99
C LYS A 38 16.33 -7.48 -6.36
N LEU A 39 16.63 -6.18 -6.39
CA LEU A 39 17.08 -5.52 -7.62
C LEU A 39 18.31 -6.20 -8.21
N ASN A 40 19.31 -6.43 -7.36
CA ASN A 40 20.57 -7.04 -7.78
C ASN A 40 20.37 -8.43 -8.41
N LYS A 41 19.53 -9.25 -7.78
CA LYS A 41 19.25 -10.60 -8.29
C LYS A 41 18.50 -10.59 -9.62
N LEU A 42 17.53 -9.69 -9.74
CA LEU A 42 16.69 -9.61 -10.93
C LEU A 42 17.46 -9.14 -12.17
N ILE A 43 18.34 -8.16 -12.00
CA ILE A 43 19.08 -7.59 -13.13
C ILE A 43 20.33 -8.39 -13.54
N GLU A 44 20.70 -9.39 -12.76
CA GLU A 44 21.87 -10.22 -13.07
C GLU A 44 21.62 -11.04 -14.34
N GLY A 45 22.54 -10.92 -15.30
CA GLY A 45 22.43 -11.60 -16.58
C GLY A 45 21.37 -11.01 -17.50
N THR A 46 21.08 -9.72 -17.32
CA THR A 46 20.10 -9.01 -18.15
C THR A 46 20.74 -7.73 -18.68
N PRO A 47 20.10 -7.05 -19.64
CA PRO A 47 20.64 -5.79 -20.15
C PRO A 47 20.76 -4.68 -19.10
N PHE A 48 20.05 -4.81 -17.99
CA PHE A 48 20.07 -3.82 -16.92
C PHE A 48 21.18 -4.06 -15.88
N GLU A 49 21.96 -5.12 -16.07
CA GLU A 49 23.00 -5.52 -15.10
C GLU A 49 23.98 -4.38 -14.77
N LYS A 50 24.46 -3.70 -15.81
CA LYS A 50 25.50 -2.68 -15.67
C LYS A 50 25.02 -1.26 -15.96
N GLU A 51 23.71 -1.08 -16.11
CA GLU A 51 23.15 0.23 -16.43
C GLU A 51 23.08 1.11 -15.17
N PRO A 52 23.16 2.44 -15.35
CA PRO A 52 22.90 3.34 -14.21
C PRO A 52 21.48 3.15 -13.68
N LEU A 53 21.27 3.45 -12.40
CA LEU A 53 19.97 3.23 -11.77
C LEU A 53 18.86 4.02 -12.47
N GLU A 54 19.15 5.27 -12.82
CA GLU A 54 18.18 6.12 -13.50
C GLU A 54 17.78 5.52 -14.86
N GLU A 55 18.75 4.91 -15.54
CA GLU A 55 18.48 4.29 -16.84
C GLU A 55 17.68 3.00 -16.73
N ILE A 56 17.87 2.26 -15.64
CA ILE A 56 17.06 1.07 -15.38
C ILE A 56 15.61 1.51 -15.18
N ILE A 57 15.41 2.53 -14.35
CA ILE A 57 14.09 3.10 -14.09
C ILE A 57 13.39 3.54 -15.39
N ARG A 58 14.14 4.18 -16.28
CA ARG A 58 13.56 4.70 -17.53
C ARG A 58 13.24 3.62 -18.58
N LYS A 59 13.90 2.47 -18.51
CA LYS A 59 13.79 1.46 -19.57
C LYS A 59 13.18 0.12 -19.13
N SER A 60 13.06 -0.13 -17.82
CA SER A 60 12.59 -1.43 -17.33
C SER A 60 11.11 -1.42 -17.00
N ASP A 61 10.60 -2.62 -16.68
CA ASP A 61 9.22 -2.79 -16.22
C ASP A 61 9.15 -3.92 -15.19
N GLY A 62 7.96 -4.21 -14.70
CA GLY A 62 7.77 -5.33 -13.78
C GLY A 62 8.60 -5.20 -12.51
N GLY A 63 9.14 -6.32 -12.05
CA GLY A 63 9.89 -6.37 -10.80
C GLY A 63 11.18 -5.57 -10.82
N ILE A 64 11.84 -5.52 -11.98
CA ILE A 64 13.07 -4.76 -12.11
C ILE A 64 12.79 -3.28 -11.89
N PHE A 65 11.73 -2.77 -12.51
CA PHE A 65 11.32 -1.38 -12.33
C PHE A 65 10.95 -1.09 -10.87
N ASN A 66 10.12 -1.95 -10.30
CA ASN A 66 9.60 -1.74 -8.94
C ASN A 66 10.72 -1.64 -7.90
N ASN A 67 11.67 -2.58 -7.96
CA ASN A 67 12.79 -2.58 -7.03
C ASN A 67 13.80 -1.47 -7.31
N ALA A 68 14.07 -1.21 -8.59
CA ALA A 68 14.96 -0.11 -8.99
C ALA A 68 14.39 1.25 -8.58
N ALA A 69 13.12 1.47 -8.89
CA ALA A 69 12.44 2.72 -8.55
C ALA A 69 12.33 2.91 -7.03
N GLN A 70 11.97 1.85 -6.32
CA GLN A 70 11.90 1.91 -4.85
C GLN A 70 13.27 2.21 -4.22
N HIS A 71 14.32 1.63 -4.78
CA HIS A 71 15.69 1.90 -4.31
C HIS A 71 16.02 3.39 -4.47
N TRP A 72 15.79 3.92 -5.66
CA TRP A 72 15.99 5.35 -5.93
C TRP A 72 15.11 6.20 -5.01
N ASN A 73 13.83 5.82 -4.89
CA ASN A 73 12.85 6.60 -4.13
C ASN A 73 13.19 6.72 -2.64
N HIS A 74 13.68 5.63 -2.04
CA HIS A 74 14.04 5.63 -0.62
C HIS A 74 15.34 6.38 -0.37
N THR A 75 16.32 6.18 -1.26
CA THR A 75 17.58 6.92 -1.21
C THR A 75 17.30 8.43 -1.20
N PHE A 76 16.46 8.86 -2.13
CA PHE A 76 16.02 10.26 -2.22
C PHE A 76 15.27 10.72 -0.96
N TYR A 77 14.39 9.87 -0.47
CA TYR A 77 13.57 10.15 0.72
C TYR A 77 14.37 10.42 1.97
N TRP A 78 15.43 9.63 2.21
CA TRP A 78 16.26 9.83 3.40
C TRP A 78 16.89 11.22 3.43
N HIS A 79 17.31 11.71 2.25
CA HIS A 79 17.92 13.03 2.14
C HIS A 79 16.90 14.17 2.22
N CYS A 80 15.62 13.85 1.99
CA CYS A 80 14.54 14.83 2.16
C CYS A 80 14.20 15.10 3.62
N MET A 81 14.80 14.34 4.53
CA MET A 81 14.63 14.57 5.96
C MET A 81 15.98 14.79 6.62
N SER A 82 15.98 15.40 7.80
CA SER A 82 17.21 15.76 8.49
C SER A 82 16.89 16.11 9.94
N PRO A 83 17.83 15.84 10.86
CA PRO A 83 17.67 16.33 12.24
C PRO A 83 17.65 17.86 12.29
N ASP A 84 18.33 18.49 11.33
CA ASP A 84 18.33 19.95 11.20
C ASP A 84 17.16 20.46 10.35
N GLY A 85 16.27 19.57 9.94
CA GLY A 85 15.18 19.92 9.04
C GLY A 85 14.06 20.69 9.71
N GLY A 86 12.96 20.85 8.98
CA GLY A 86 11.85 21.67 9.44
C GLY A 86 12.04 23.12 9.09
N GLY A 87 11.19 23.98 9.63
CA GLY A 87 11.23 25.40 9.32
C GLY A 87 10.78 25.66 7.88
N ASP A 88 11.27 26.76 7.32
CA ASP A 88 10.86 27.22 5.99
C ASP A 88 12.01 27.16 5.00
N PRO A 89 11.69 27.09 3.70
CA PRO A 89 12.73 27.24 2.69
C PRO A 89 13.23 28.68 2.64
N SER A 90 14.31 28.90 1.90
CA SER A 90 14.90 30.23 1.78
C SER A 90 15.29 30.51 0.33
N GLY A 91 15.74 31.74 0.08
CA GLY A 91 16.29 32.11 -1.22
C GLY A 91 15.36 31.87 -2.39
N GLU A 92 15.92 31.41 -3.50
CA GLU A 92 15.17 31.29 -4.74
C GLU A 92 14.13 30.17 -4.72
N LEU A 93 14.34 29.14 -3.90
CA LEU A 93 13.34 28.09 -3.71
C LEU A 93 12.08 28.67 -3.06
N ALA A 94 12.28 29.48 -2.02
CA ALA A 94 11.18 30.16 -1.35
C ALA A 94 10.45 31.07 -2.32
N SER A 95 11.22 31.86 -3.06
CA SER A 95 10.69 32.78 -4.07
C SER A 95 9.86 32.05 -5.14
N ALA A 96 10.40 30.95 -5.65
CA ALA A 96 9.73 30.15 -6.68
C ALA A 96 8.45 29.50 -6.17
N ILE A 97 8.45 29.07 -4.91
CA ILE A 97 7.26 28.50 -4.27
C ILE A 97 6.16 29.57 -4.13
N ASP A 98 6.54 30.78 -3.73
CA ASP A 98 5.59 31.89 -3.65
C ASP A 98 4.98 32.23 -5.01
N LYS A 99 5.82 32.27 -6.05
CA LYS A 99 5.36 32.62 -7.40
C LYS A 99 4.41 31.57 -7.96
N THR A 100 4.78 30.30 -7.84
CA THR A 100 4.01 29.20 -8.44
C THR A 100 2.71 28.93 -7.68
N PHE A 101 2.81 28.75 -6.36
CA PHE A 101 1.66 28.32 -5.55
C PHE A 101 0.95 29.45 -4.80
N GLY A 102 1.53 30.65 -4.81
CA GLY A 102 0.93 31.81 -4.15
C GLY A 102 1.57 32.14 -2.82
N SER A 103 1.86 31.12 -2.03
CA SER A 103 2.52 31.27 -0.74
C SER A 103 3.09 29.94 -0.28
N LEU A 104 3.85 29.97 0.81
CA LEU A 104 4.41 28.74 1.39
C LEU A 104 3.31 27.86 1.99
N GLU A 105 2.36 28.47 2.70
CA GLU A 105 1.27 27.70 3.31
C GLU A 105 0.36 27.06 2.27
N LYS A 106 0.14 27.72 1.14
CA LYS A 106 -0.62 27.12 0.05
C LYS A 106 0.10 25.92 -0.54
N PHE A 107 1.40 26.05 -0.77
CA PHE A 107 2.20 24.92 -1.25
C PHE A 107 2.14 23.75 -0.27
N LYS A 108 2.40 24.04 1.02
CA LYS A 108 2.36 23.03 2.07
C LYS A 108 1.01 22.33 2.13
N ALA A 109 -0.08 23.10 2.02
CA ALA A 109 -1.42 22.55 1.98
C ALA A 109 -1.63 21.65 0.76
N LEU A 110 -1.08 22.06 -0.38
CA LEU A 110 -1.19 21.29 -1.63
C LEU A 110 -0.40 19.97 -1.55
N PHE A 111 0.81 20.03 -1.00
CA PHE A 111 1.61 18.82 -0.82
C PHE A 111 1.00 17.90 0.24
N THR A 112 0.50 18.49 1.33
CA THR A 112 -0.15 17.73 2.39
C THR A 112 -1.37 16.97 1.87
N ASP A 113 -2.21 17.65 1.10
CA ASP A 113 -3.39 17.03 0.50
C ASP A 113 -3.00 15.93 -0.50
N SER A 114 -1.97 16.19 -1.29
CA SER A 114 -1.45 15.16 -2.21
C SER A 114 -1.04 13.90 -1.46
N ALA A 115 -0.27 14.10 -0.39
CA ALA A 115 0.23 13.00 0.44
C ALA A 115 -0.89 12.28 1.19
N ASN A 116 -1.79 13.04 1.81
CA ASN A 116 -2.90 12.47 2.59
C ASN A 116 -3.96 11.79 1.74
N ASN A 117 -4.25 12.33 0.56
CA ASN A 117 -5.33 11.83 -0.29
C ASN A 117 -4.91 10.72 -1.26
N HIS A 118 -3.62 10.39 -1.34
CA HIS A 118 -3.21 9.32 -2.25
C HIS A 118 -3.72 7.97 -1.76
N PHE A 119 -4.57 7.33 -2.56
CA PHE A 119 -5.17 6.05 -2.20
C PHE A 119 -4.20 4.90 -2.41
N GLY A 120 -3.95 4.15 -1.34
CA GLY A 120 -3.03 3.02 -1.37
C GLY A 120 -1.58 3.45 -1.19
N SER A 121 -0.66 2.60 -1.65
CA SER A 121 0.77 2.86 -1.49
C SER A 121 1.27 3.83 -2.54
N GLY A 122 2.24 4.66 -2.16
CA GLY A 122 2.82 5.61 -3.10
C GLY A 122 3.67 6.70 -2.49
N TRP A 123 3.91 7.74 -3.29
CA TRP A 123 4.80 8.84 -2.95
C TRP A 123 4.16 10.16 -3.32
N ALA A 124 4.29 11.16 -2.47
CA ALA A 124 3.93 12.53 -2.81
C ALA A 124 5.21 13.25 -3.22
N TRP A 125 5.13 14.07 -4.27
CA TRP A 125 6.31 14.70 -4.87
C TRP A 125 6.16 16.21 -5.06
N LEU A 126 7.26 16.92 -4.87
CA LEU A 126 7.45 18.22 -5.50
C LEU A 126 8.44 18.00 -6.63
N VAL A 127 8.07 18.36 -7.85
CA VAL A 127 8.94 18.20 -9.01
C VAL A 127 9.13 19.49 -9.78
N LYS A 128 10.07 19.47 -10.72
CA LYS A 128 10.30 20.56 -11.66
C LYS A 128 10.21 19.98 -13.06
N ASP A 129 9.38 20.56 -13.92
CA ASP A 129 9.26 20.07 -15.31
C ASP A 129 10.38 20.65 -16.19
N ASN A 130 10.42 20.23 -17.46
CA ASN A 130 11.49 20.66 -18.37
C ASN A 130 11.50 22.17 -18.66
N ASN A 131 10.36 22.83 -18.43
CA ASN A 131 10.28 24.29 -18.50
C ASN A 131 10.64 24.99 -17.18
N GLY A 132 10.97 24.20 -16.16
CA GLY A 132 11.36 24.74 -14.85
C GLY A 132 10.20 25.08 -13.92
N LYS A 133 8.99 24.65 -14.27
CA LYS A 133 7.80 24.97 -13.47
C LYS A 133 7.59 23.95 -12.36
N LEU A 134 7.34 24.45 -11.14
CA LEU A 134 7.13 23.60 -9.98
C LEU A 134 5.75 22.94 -10.04
N GLU A 135 5.68 21.71 -9.55
CA GLU A 135 4.44 20.94 -9.58
C GLU A 135 4.38 19.97 -8.39
N VAL A 136 3.18 19.82 -7.83
CA VAL A 136 2.92 18.80 -6.81
C VAL A 136 2.09 17.68 -7.42
N LEU A 137 2.49 16.44 -7.17
CA LEU A 137 1.73 15.28 -7.62
C LEU A 137 2.08 14.04 -6.80
N SER A 138 1.18 13.07 -6.78
CA SER A 138 1.45 11.78 -6.15
C SER A 138 1.51 10.68 -7.21
N THR A 139 2.25 9.62 -6.90
CA THR A 139 2.37 8.47 -7.80
C THR A 139 2.03 7.17 -7.09
N VAL A 140 1.64 6.17 -7.87
CA VAL A 140 1.23 4.86 -7.35
C VAL A 140 2.41 3.92 -7.16
N ASN A 141 2.48 3.30 -5.99
CA ASN A 141 3.45 2.23 -5.71
C ASN A 141 4.91 2.66 -5.84
N ALA A 142 5.60 2.26 -6.92
CA ALA A 142 7.02 2.59 -7.10
C ALA A 142 7.26 3.69 -8.14
N ARG A 143 6.18 4.15 -8.77
CA ARG A 143 6.31 5.06 -9.91
C ARG A 143 7.00 6.37 -9.55
N ASN A 144 7.83 6.85 -10.46
CA ASN A 144 8.69 7.99 -10.23
C ASN A 144 8.54 8.98 -11.39
N PRO A 145 8.29 10.27 -11.08
CA PRO A 145 8.04 11.31 -12.10
C PRO A 145 9.12 11.49 -13.17
N MET A 146 10.34 10.99 -12.95
CA MET A 146 11.40 11.09 -13.96
C MET A 146 11.09 10.32 -15.24
N THR A 147 10.17 9.35 -15.16
CA THR A 147 9.71 8.64 -16.35
C THR A 147 8.81 9.52 -17.23
N GLU A 148 8.32 10.64 -16.69
CA GLU A 148 7.61 11.65 -17.46
C GLU A 148 8.45 12.92 -17.66
N GLY A 149 9.77 12.78 -17.58
CA GLY A 149 10.70 13.89 -17.79
C GLY A 149 10.63 14.99 -16.73
N LYS A 150 10.24 14.63 -15.52
CA LYS A 150 10.14 15.59 -14.43
C LYS A 150 11.18 15.28 -13.35
N LYS A 151 11.84 16.32 -12.86
CA LYS A 151 12.89 16.16 -11.85
C LYS A 151 12.32 16.25 -10.44
N PRO A 152 12.46 15.16 -9.65
CA PRO A 152 12.09 15.24 -8.24
C PRO A 152 12.92 16.24 -7.44
N LEU A 153 12.25 17.06 -6.62
CA LEU A 153 12.91 17.98 -5.70
C LEU A 153 12.71 17.56 -4.24
N MET A 154 11.56 16.94 -3.95
CA MET A 154 11.22 16.50 -2.61
C MET A 154 10.23 15.33 -2.71
N THR A 155 10.30 14.40 -1.77
CA THR A 155 9.34 13.31 -1.71
C THR A 155 9.00 12.93 -0.28
N CYS A 156 7.78 12.44 -0.09
CA CYS A 156 7.32 11.88 1.17
C CYS A 156 6.70 10.52 0.87
N ASP A 157 7.28 9.48 1.46
CA ASP A 157 6.78 8.11 1.32
C ASP A 157 5.44 8.02 2.04
N VAL A 158 4.40 7.58 1.34
CA VAL A 158 3.09 7.36 1.96
C VAL A 158 2.64 5.88 1.89
N TRP A 159 3.58 4.98 1.59
CA TRP A 159 3.37 3.55 1.89
C TRP A 159 3.12 3.47 3.40
N GLU A 160 2.23 2.57 3.81
CA GLU A 160 1.83 2.48 5.21
C GLU A 160 3.00 2.14 6.14
N HIS A 161 3.99 1.40 5.64
CA HIS A 161 5.17 1.08 6.46
C HIS A 161 5.96 2.31 6.91
N ALA A 162 5.83 3.41 6.17
CA ALA A 162 6.55 4.64 6.49
C ALA A 162 6.12 5.24 7.82
N TYR A 163 4.88 4.96 8.24
CA TYR A 163 4.33 5.57 9.45
C TYR A 163 3.54 4.67 10.40
N TYR A 164 3.17 3.46 9.98
CA TYR A 164 2.21 2.67 10.77
C TYR A 164 2.72 2.37 12.19
N ILE A 165 4.04 2.25 12.35
CA ILE A 165 4.64 2.03 13.66
C ILE A 165 4.41 3.23 14.59
N ASP A 166 4.48 4.43 14.02
CA ASP A 166 4.45 5.66 14.82
C ASP A 166 3.06 6.31 14.91
N THR A 167 2.30 6.32 13.81
CA THR A 167 0.98 6.95 13.81
C THR A 167 -0.17 5.99 13.44
N ARG A 168 0.13 4.72 13.23
CA ARG A 168 -0.86 3.73 12.81
C ARG A 168 -1.59 4.23 11.56
N ASN A 169 -2.93 4.29 11.62
CA ASN A 169 -3.74 4.65 10.45
C ASN A 169 -3.78 6.17 10.17
N ASP A 170 -3.23 6.96 11.08
CA ASP A 170 -3.28 8.42 10.97
C ASP A 170 -2.15 8.96 10.08
N ARG A 171 -2.34 8.84 8.77
CA ARG A 171 -1.35 9.36 7.84
C ARG A 171 -1.16 10.89 7.95
N PRO A 172 -2.24 11.65 8.15
CA PRO A 172 -2.08 13.11 8.32
C PRO A 172 -1.16 13.53 9.46
N LYS A 173 -1.19 12.82 10.58
CA LYS A 173 -0.26 13.09 11.69
C LYS A 173 1.19 12.84 11.26
N TYR A 174 1.41 11.80 10.44
CA TYR A 174 2.74 11.51 9.92
C TYR A 174 3.23 12.61 8.98
N VAL A 175 2.34 13.11 8.11
CA VAL A 175 2.73 14.19 7.19
C VAL A 175 3.10 15.45 7.96
N ASN A 176 2.37 15.75 9.04
CA ASN A 176 2.75 16.85 9.92
C ASN A 176 4.13 16.61 10.53
N ASN A 177 4.40 15.37 10.92
CA ASN A 177 5.71 14.99 11.46
C ASN A 177 6.80 15.16 10.40
N PHE A 178 6.48 14.81 9.15
CA PHE A 178 7.41 15.00 8.03
C PHE A 178 7.82 16.47 7.86
N TRP A 179 6.86 17.38 8.02
CA TRP A 179 7.14 18.81 7.88
C TRP A 179 8.14 19.33 8.92
N GLN A 180 8.19 18.68 10.08
CA GLN A 180 9.11 19.07 11.14
C GLN A 180 10.55 18.63 10.86
N VAL A 181 10.75 17.67 9.98
CA VAL A 181 12.09 17.18 9.65
C VAL A 181 12.48 17.43 8.18
N VAL A 182 11.59 18.05 7.39
CA VAL A 182 11.85 18.28 5.97
C VAL A 182 13.17 19.04 5.76
N ASN A 183 14.03 18.50 4.90
CA ASN A 183 15.35 19.06 4.61
C ASN A 183 15.28 20.01 3.41
N TRP A 184 15.01 21.28 3.68
CA TRP A 184 14.90 22.29 2.62
C TRP A 184 16.22 22.49 1.88
N ASP A 185 17.34 22.34 2.57
CA ASP A 185 18.67 22.46 1.95
C ASP A 185 18.83 21.48 0.78
N PHE A 186 18.38 20.24 0.97
CA PHE A 186 18.43 19.24 -0.09
C PHE A 186 17.46 19.59 -1.23
N VAL A 187 16.24 19.98 -0.88
CA VAL A 187 15.23 20.38 -1.88
C VAL A 187 15.75 21.55 -2.73
N MET A 188 16.41 22.51 -2.08
CA MET A 188 16.95 23.67 -2.78
C MET A 188 18.14 23.29 -3.67
N LYS A 189 18.97 22.37 -3.20
CA LYS A 189 20.06 21.84 -4.00
C LYS A 189 19.49 21.24 -5.29
N ASN A 190 18.45 20.41 -5.14
CA ASN A 190 17.78 19.78 -6.28
C ASN A 190 17.14 20.82 -7.21
N PHE A 191 16.54 21.84 -6.62
CA PHE A 191 15.95 22.94 -7.39
C PHE A 191 16.97 23.69 -8.26
N LYS A 192 18.20 23.83 -7.77
CA LYS A 192 19.20 24.67 -8.42
C LYS A 192 20.05 23.99 -9.51
N SER A 193 19.62 22.81 -9.97
CA SER A 193 20.19 22.22 -11.20
C SER A 193 19.06 21.82 -12.15
N ALA B 2 -25.92 5.72 3.68
CA ALA B 2 -26.87 4.79 4.32
C ALA B 2 -26.21 3.46 4.72
N PHE B 3 -24.97 3.25 4.27
CA PHE B 3 -24.23 2.02 4.62
C PHE B 3 -23.72 2.06 6.05
N GLU B 4 -23.55 0.87 6.63
CA GLU B 4 -23.23 0.73 8.04
C GLU B 4 -22.07 -0.24 8.23
N LEU B 5 -21.17 0.07 9.16
CA LEU B 5 -20.08 -0.83 9.51
C LEU B 5 -20.65 -2.11 10.10
N PRO B 6 -20.45 -3.25 9.42
CA PRO B 6 -20.99 -4.48 9.99
C PRO B 6 -20.24 -4.89 11.25
N ASP B 7 -20.92 -5.56 12.17
CA ASP B 7 -20.27 -6.06 13.37
C ASP B 7 -19.28 -7.14 12.98
N LEU B 8 -18.20 -7.24 13.71
CA LEU B 8 -17.21 -8.29 13.49
C LEU B 8 -17.90 -9.62 13.83
N PRO B 9 -17.66 -10.67 13.01
CA PRO B 9 -18.32 -11.96 13.29
C PRO B 9 -17.84 -12.70 14.55
N TYR B 10 -16.89 -12.12 15.27
CA TYR B 10 -16.29 -12.74 16.46
C TYR B 10 -15.73 -11.65 17.36
N LYS B 11 -15.31 -12.03 18.57
CA LYS B 11 -14.71 -11.08 19.51
C LYS B 11 -13.37 -10.59 18.99
N LEU B 12 -12.94 -9.42 19.49
CA LEU B 12 -11.71 -8.79 19.02
C LEU B 12 -10.45 -9.62 19.30
N ASN B 13 -10.51 -10.51 20.29
CA ASN B 13 -9.38 -11.38 20.63
C ASN B 13 -9.51 -12.82 20.10
N ALA B 14 -10.54 -13.07 19.29
CA ALA B 14 -10.87 -14.43 18.85
C ALA B 14 -9.87 -15.04 17.87
N LEU B 15 -9.10 -14.18 17.19
CA LEU B 15 -8.11 -14.64 16.22
C LEU B 15 -6.70 -14.69 16.81
N GLU B 16 -6.58 -14.41 18.11
CA GLU B 16 -5.30 -14.48 18.79
C GLU B 16 -4.83 -15.94 18.86
N PRO B 17 -3.51 -16.18 18.75
CA PRO B 17 -2.40 -15.24 18.56
C PRO B 17 -2.06 -15.01 17.08
N HIS B 18 -2.96 -15.37 16.17
CA HIS B 18 -2.67 -15.34 14.74
C HIS B 18 -2.85 -13.94 14.18
N ILE B 19 -3.92 -13.27 14.58
CA ILE B 19 -4.11 -11.86 14.31
C ILE B 19 -4.51 -11.20 15.63
N SER B 20 -3.79 -10.14 16.01
CA SER B 20 -3.93 -9.57 17.34
C SER B 20 -5.22 -8.77 17.52
N GLN B 21 -5.63 -8.60 18.77
CA GLN B 21 -6.74 -7.72 19.10
C GLN B 21 -6.46 -6.31 18.59
N GLU B 22 -5.24 -5.82 18.81
CA GLU B 22 -4.89 -4.47 18.36
C GLU B 22 -5.10 -4.31 16.84
N THR B 23 -4.65 -5.28 16.06
CA THR B 23 -4.87 -5.24 14.61
C THR B 23 -6.35 -5.11 14.28
N LEU B 24 -7.19 -5.94 14.89
CA LEU B 24 -8.63 -5.91 14.60
C LEU B 24 -9.27 -4.59 15.05
N GLU B 25 -8.81 -4.04 16.16
CA GLU B 25 -9.27 -2.73 16.64
C GLU B 25 -8.99 -1.61 15.63
N TYR B 26 -7.79 -1.59 15.06
CA TYR B 26 -7.43 -0.59 14.03
C TYR B 26 -8.05 -0.92 12.67
N HIS B 27 -7.96 -2.19 12.26
CA HIS B 27 -8.37 -2.59 10.91
C HIS B 27 -9.88 -2.50 10.72
N HIS B 28 -10.64 -3.03 11.67
CA HIS B 28 -12.10 -2.94 11.66
C HIS B 28 -12.58 -1.59 12.22
N GLY B 29 -12.13 -1.26 13.43
CA GLY B 29 -12.63 -0.09 14.16
C GLY B 29 -12.26 1.27 13.60
N LYS B 30 -11.16 1.34 12.83
CA LYS B 30 -10.76 2.59 12.22
C LYS B 30 -10.74 2.52 10.69
N HIS B 31 -9.96 1.59 10.13
CA HIS B 31 -9.84 1.47 8.67
C HIS B 31 -11.19 1.19 7.98
N HIS B 32 -11.86 0.12 8.40
CA HIS B 32 -13.15 -0.26 7.80
C HIS B 32 -14.22 0.80 8.11
N ARG B 33 -14.25 1.28 9.35
CA ARG B 33 -15.17 2.35 9.74
C ARG B 33 -15.03 3.60 8.86
N ALA B 34 -13.79 3.96 8.52
CA ALA B 34 -13.54 5.15 7.68
C ALA B 34 -14.03 4.95 6.24
N TYR B 35 -13.88 3.74 5.70
CA TYR B 35 -14.37 3.43 4.35
C TYR B 35 -15.88 3.60 4.28
N VAL B 36 -16.59 3.10 5.29
CA VAL B 36 -18.04 3.20 5.35
C VAL B 36 -18.49 4.65 5.42
N ASN B 37 -17.82 5.43 6.27
CA ASN B 37 -18.16 6.85 6.44
C ASN B 37 -17.87 7.68 5.18
N LYS B 38 -16.70 7.50 4.60
CA LYS B 38 -16.34 8.21 3.36
C LYS B 38 -17.24 7.82 2.18
N LEU B 39 -17.64 6.55 2.13
CA LEU B 39 -18.58 6.07 1.11
C LEU B 39 -19.90 6.81 1.18
N ASN B 40 -20.46 6.90 2.40
CA ASN B 40 -21.75 7.56 2.61
C ASN B 40 -21.73 9.04 2.23
N LYS B 41 -20.64 9.73 2.56
CA LYS B 41 -20.50 11.16 2.23
C LYS B 41 -20.38 11.39 0.72
N LEU B 42 -19.63 10.54 0.04
CA LEU B 42 -19.40 10.68 -1.39
C LEU B 42 -20.65 10.38 -2.23
N ILE B 43 -21.37 9.31 -1.88
CA ILE B 43 -22.52 8.86 -2.67
C ILE B 43 -23.80 9.69 -2.45
N GLU B 44 -23.82 10.54 -1.43
CA GLU B 44 -24.99 11.36 -1.15
C GLU B 44 -25.15 12.47 -2.19
N GLY B 45 -26.33 12.53 -2.80
CA GLY B 45 -26.62 13.50 -3.87
C GLY B 45 -26.24 13.01 -5.26
N THR B 46 -25.83 11.73 -5.37
CA THR B 46 -25.40 11.14 -6.64
C THR B 46 -26.30 9.98 -7.02
N PRO B 47 -26.23 9.52 -8.28
CA PRO B 47 -26.97 8.32 -8.71
C PRO B 47 -26.66 7.05 -7.93
N PHE B 48 -25.53 7.03 -7.21
CA PHE B 48 -25.13 5.87 -6.41
C PHE B 48 -25.72 5.87 -4.99
N GLU B 49 -26.50 6.89 -4.64
CA GLU B 49 -27.00 7.06 -3.27
C GLU B 49 -27.82 5.86 -2.77
N LYS B 50 -28.75 5.38 -3.60
CA LYS B 50 -29.68 4.33 -3.19
C LYS B 50 -29.43 2.97 -3.87
N GLU B 51 -28.24 2.81 -4.46
CA GLU B 51 -27.90 1.58 -5.18
C GLU B 51 -27.37 0.51 -4.22
N PRO B 52 -27.53 -0.78 -4.58
CA PRO B 52 -26.85 -1.85 -3.85
C PRO B 52 -25.34 -1.72 -3.97
N LEU B 53 -24.61 -2.20 -2.95
CA LEU B 53 -23.16 -2.05 -2.90
C LEU B 53 -22.45 -2.66 -4.11
N GLU B 54 -22.92 -3.83 -4.55
CA GLU B 54 -22.34 -4.49 -5.73
C GLU B 54 -22.48 -3.61 -6.98
N GLU B 55 -23.62 -2.97 -7.13
CA GLU B 55 -23.89 -2.10 -8.30
C GLU B 55 -23.07 -0.82 -8.28
N ILE B 56 -22.81 -0.29 -7.09
CA ILE B 56 -21.90 0.85 -6.94
C ILE B 56 -20.49 0.46 -7.40
N ILE B 57 -20.06 -0.74 -7.00
CA ILE B 57 -18.74 -1.25 -7.38
C ILE B 57 -18.62 -1.44 -8.89
N ARG B 58 -19.67 -1.97 -9.52
CA ARG B 58 -19.66 -2.25 -10.95
C ARG B 58 -19.74 -1.01 -11.84
N LYS B 59 -20.28 0.09 -11.34
CA LYS B 59 -20.58 1.26 -12.18
C LYS B 59 -19.82 2.54 -11.82
N SER B 60 -19.16 2.57 -10.67
CA SER B 60 -18.46 3.78 -10.22
C SER B 60 -16.96 3.73 -10.51
N ASP B 61 -16.30 4.87 -10.33
CA ASP B 61 -14.84 4.94 -10.35
C ASP B 61 -14.37 5.92 -9.28
N GLY B 62 -13.06 6.19 -9.26
CA GLY B 62 -12.49 7.17 -8.34
C GLY B 62 -12.72 6.80 -6.89
N GLY B 63 -13.00 7.80 -6.07
CA GLY B 63 -13.16 7.62 -4.62
C GLY B 63 -14.38 6.82 -4.22
N ILE B 64 -15.47 6.95 -4.97
CA ILE B 64 -16.68 6.18 -4.69
C ILE B 64 -16.38 4.68 -4.84
N PHE B 65 -15.76 4.32 -5.96
CA PHE B 65 -15.33 2.94 -6.17
C PHE B 65 -14.39 2.46 -5.08
N ASN B 66 -13.35 3.25 -4.80
CA ASN B 66 -12.33 2.87 -3.82
C ASN B 66 -12.92 2.57 -2.45
N ASN B 67 -13.84 3.41 -2.00
CA ASN B 67 -14.49 3.22 -0.70
C ASN B 67 -15.57 2.13 -0.73
N ALA B 68 -16.32 2.05 -1.83
CA ALA B 68 -17.35 1.01 -1.98
C ALA B 68 -16.72 -0.38 -2.02
N ALA B 69 -15.68 -0.54 -2.83
CA ALA B 69 -14.96 -1.81 -2.98
C ALA B 69 -14.29 -2.24 -1.68
N GLN B 70 -13.59 -1.30 -1.03
CA GLN B 70 -12.93 -1.59 0.24
C GLN B 70 -13.91 -2.01 1.33
N HIS B 71 -15.07 -1.35 1.37
CA HIS B 71 -16.15 -1.72 2.28
C HIS B 71 -16.59 -3.17 2.01
N TRP B 72 -16.83 -3.50 0.74
CA TRP B 72 -17.18 -4.87 0.36
C TRP B 72 -16.06 -5.85 0.73
N ASN B 73 -14.84 -5.50 0.34
CA ASN B 73 -13.67 -6.37 0.51
C ASN B 73 -13.42 -6.71 1.98
N HIS B 74 -13.50 -5.71 2.85
CA HIS B 74 -13.26 -5.91 4.28
C HIS B 74 -14.35 -6.74 4.93
N THR B 75 -15.61 -6.47 4.58
CA THR B 75 -16.74 -7.26 5.06
C THR B 75 -16.52 -8.74 4.72
N PHE B 76 -16.18 -8.99 3.46
CA PHE B 76 -15.88 -10.34 2.96
C PHE B 76 -14.69 -10.96 3.70
N TYR B 77 -13.66 -10.16 3.92
CA TYR B 77 -12.43 -10.57 4.60
C TYR B 77 -12.67 -11.07 6.03
N TRP B 78 -13.54 -10.40 6.79
CA TRP B 78 -13.79 -10.82 8.17
C TRP B 78 -14.40 -12.21 8.24
N HIS B 79 -15.27 -12.55 7.29
CA HIS B 79 -15.92 -13.86 7.26
C HIS B 79 -15.00 -14.95 6.73
N CYS B 80 -13.94 -14.56 6.03
CA CYS B 80 -12.90 -15.51 5.58
C CYS B 80 -11.99 -15.97 6.71
N MET B 81 -12.17 -15.41 7.90
CA MET B 81 -11.43 -15.85 9.07
C MET B 81 -12.40 -16.21 10.18
N SER B 82 -11.92 -17.01 11.13
CA SER B 82 -12.75 -17.45 12.24
C SER B 82 -11.86 -18.03 13.34
N PRO B 83 -12.29 -17.93 14.61
CA PRO B 83 -11.58 -18.61 15.69
C PRO B 83 -11.56 -20.13 15.54
N ASP B 84 -12.55 -20.66 14.82
CA ASP B 84 -12.65 -22.10 14.55
C ASP B 84 -12.00 -22.46 13.22
N GLY B 85 -11.33 -21.50 12.59
CA GLY B 85 -10.77 -21.68 11.26
C GLY B 85 -9.51 -22.52 11.24
N GLY B 86 -8.82 -22.49 10.10
CA GLY B 86 -7.65 -23.32 9.89
C GLY B 86 -8.03 -24.74 9.49
N GLY B 87 -7.04 -25.62 9.45
CA GLY B 87 -7.25 -26.97 8.97
C GLY B 87 -7.46 -26.98 7.46
N ASP B 88 -8.17 -28.01 6.98
CA ASP B 88 -8.35 -28.23 5.54
C ASP B 88 -9.79 -28.01 5.11
N PRO B 89 -10.01 -27.73 3.82
CA PRO B 89 -11.37 -27.74 3.29
C PRO B 89 -11.92 -29.16 3.23
N SER B 90 -13.21 -29.29 2.96
CA SER B 90 -13.84 -30.60 2.87
C SER B 90 -14.78 -30.66 1.66
N GLY B 91 -15.28 -31.87 1.38
CA GLY B 91 -16.36 -32.08 0.41
C GLY B 91 -16.05 -31.60 -1.00
N GLU B 92 -17.06 -31.02 -1.65
CA GLU B 92 -16.94 -30.53 -3.03
C GLU B 92 -15.82 -29.49 -3.20
N LEU B 93 -15.64 -28.62 -2.22
CA LEU B 93 -14.60 -27.60 -2.29
C LEU B 93 -13.21 -28.25 -2.36
N ALA B 94 -12.97 -29.21 -1.47
CA ALA B 94 -11.70 -29.94 -1.45
C ALA B 94 -11.45 -30.65 -2.78
N SER B 95 -12.47 -31.35 -3.27
CA SER B 95 -12.40 -32.05 -4.56
C SER B 95 -12.12 -31.09 -5.71
N ALA B 96 -12.82 -29.96 -5.73
CA ALA B 96 -12.64 -28.94 -6.77
C ALA B 96 -11.23 -28.35 -6.73
N ILE B 97 -10.70 -28.15 -5.53
CA ILE B 97 -9.31 -27.67 -5.35
C ILE B 97 -8.31 -28.69 -5.89
N ASP B 98 -8.51 -29.96 -5.56
CA ASP B 98 -7.64 -31.04 -6.05
C ASP B 98 -7.66 -31.16 -7.59
N LYS B 99 -8.86 -31.10 -8.17
CA LYS B 99 -9.01 -31.20 -9.62
C LYS B 99 -8.30 -30.05 -10.32
N THR B 100 -8.59 -28.81 -9.90
CA THR B 100 -8.10 -27.62 -10.60
C THR B 100 -6.61 -27.39 -10.37
N PHE B 101 -6.17 -27.43 -9.12
CA PHE B 101 -4.79 -27.10 -8.75
C PHE B 101 -3.87 -28.30 -8.54
N GLY B 102 -4.43 -29.51 -8.50
CA GLY B 102 -3.64 -30.74 -8.36
C GLY B 102 -3.71 -31.35 -6.96
N SER B 103 -3.57 -30.49 -5.96
CA SER B 103 -3.68 -30.91 -4.56
C SER B 103 -3.91 -29.67 -3.69
N LEU B 104 -4.19 -29.90 -2.41
CA LEU B 104 -4.41 -28.81 -1.47
C LEU B 104 -3.15 -27.96 -1.28
N GLU B 105 -1.99 -28.63 -1.17
CA GLU B 105 -0.74 -27.92 -0.90
C GLU B 105 -0.28 -27.09 -2.10
N LYS B 106 -0.55 -27.55 -3.32
CA LYS B 106 -0.24 -26.75 -4.51
C LYS B 106 -1.15 -25.51 -4.57
N PHE B 107 -2.43 -25.67 -4.22
CA PHE B 107 -3.32 -24.51 -4.13
C PHE B 107 -2.83 -23.53 -3.06
N LYS B 108 -2.50 -24.05 -1.88
CA LYS B 108 -1.99 -23.22 -0.78
C LYS B 108 -0.72 -22.47 -1.19
N ALA B 109 0.19 -23.18 -1.85
CA ALA B 109 1.42 -22.56 -2.38
C ALA B 109 1.08 -21.44 -3.36
N LEU B 110 0.15 -21.70 -4.26
CA LEU B 110 -0.26 -20.72 -5.28
C LEU B 110 -0.88 -19.47 -4.66
N PHE B 111 -1.77 -19.66 -3.69
CA PHE B 111 -2.40 -18.54 -2.99
C PHE B 111 -1.39 -17.78 -2.12
N THR B 112 -0.51 -18.53 -1.45
CA THR B 112 0.57 -17.93 -0.65
C THR B 112 1.48 -17.03 -1.50
N ASP B 113 1.89 -17.54 -2.66
CA ASP B 113 2.75 -16.78 -3.57
C ASP B 113 2.04 -15.54 -4.12
N SER B 114 0.77 -15.69 -4.47
CA SER B 114 -0.04 -14.56 -4.93
C SER B 114 -0.10 -13.46 -3.86
N ALA B 115 -0.34 -13.87 -2.62
CA ALA B 115 -0.44 -12.94 -1.50
C ALA B 115 0.90 -12.29 -1.16
N ASN B 116 1.97 -13.09 -1.13
CA ASN B 116 3.30 -12.60 -0.76
C ASN B 116 3.95 -11.75 -1.84
N ASN B 117 3.72 -12.09 -3.11
CA ASN B 117 4.38 -11.42 -4.23
C ASN B 117 3.67 -10.17 -4.73
N HIS B 118 2.43 -9.95 -4.30
CA HIS B 118 1.70 -8.77 -4.78
C HIS B 118 2.40 -7.49 -4.35
N PHE B 119 2.83 -6.70 -5.32
CA PHE B 119 3.58 -5.48 -5.05
C PHE B 119 2.64 -4.35 -4.65
N GLY B 120 2.86 -3.79 -3.46
CA GLY B 120 2.05 -2.69 -2.94
C GLY B 120 0.82 -3.18 -2.21
N SER B 121 -0.17 -2.29 -2.08
CA SER B 121 -1.42 -2.60 -1.40
C SER B 121 -2.32 -3.41 -2.31
N GLY B 122 -3.03 -4.38 -1.75
CA GLY B 122 -3.95 -5.19 -2.54
C GLY B 122 -4.57 -6.37 -1.83
N TRP B 123 -5.10 -7.29 -2.62
CA TRP B 123 -5.86 -8.43 -2.11
C TRP B 123 -5.54 -9.68 -2.91
N ALA B 124 -5.25 -10.78 -2.23
CA ALA B 124 -5.12 -12.09 -2.87
C ALA B 124 -6.50 -12.75 -2.82
N TRP B 125 -6.89 -13.43 -3.90
CA TRP B 125 -8.22 -14.01 -4.02
C TRP B 125 -8.22 -15.46 -4.50
N LEU B 126 -9.19 -16.22 -4.02
CA LEU B 126 -9.65 -17.42 -4.70
C LEU B 126 -11.01 -17.08 -5.27
N VAL B 127 -11.16 -17.22 -6.59
CA VAL B 127 -12.43 -16.91 -7.25
C VAL B 127 -12.95 -18.09 -8.05
N LYS B 128 -14.20 -17.96 -8.50
CA LYS B 128 -14.81 -18.89 -9.44
C LYS B 128 -15.33 -18.07 -10.60
N ASP B 129 -14.84 -18.32 -11.81
CA ASP B 129 -15.42 -17.69 -13.00
C ASP B 129 -16.78 -18.33 -13.28
N ASN B 130 -17.61 -17.66 -14.08
CA ASN B 130 -18.96 -18.17 -14.34
C ASN B 130 -19.00 -19.35 -15.33
N ASN B 131 -17.83 -19.80 -15.77
CA ASN B 131 -17.67 -21.16 -16.31
C ASN B 131 -17.63 -22.17 -15.16
N GLY B 132 -17.16 -21.73 -13.99
CA GLY B 132 -17.10 -22.55 -12.79
C GLY B 132 -15.69 -22.92 -12.36
N LYS B 133 -14.68 -22.47 -13.11
CA LYS B 133 -13.29 -22.80 -12.83
C LYS B 133 -12.71 -21.97 -11.68
N LEU B 134 -11.99 -22.65 -10.79
CA LEU B 134 -11.29 -21.99 -9.69
C LEU B 134 -10.05 -21.27 -10.20
N GLU B 135 -9.78 -20.10 -9.65
CA GLU B 135 -8.65 -19.28 -10.07
C GLU B 135 -8.07 -18.49 -8.90
N VAL B 136 -6.75 -18.43 -8.82
CA VAL B 136 -6.05 -17.61 -7.86
C VAL B 136 -5.47 -16.37 -8.54
N LEU B 137 -5.71 -15.20 -7.96
CA LEU B 137 -5.15 -13.96 -8.48
C LEU B 137 -5.12 -12.88 -7.41
N SER B 138 -4.32 -11.83 -7.64
CA SER B 138 -4.28 -10.69 -6.75
C SER B 138 -4.71 -9.43 -7.49
N THR B 139 -5.29 -8.48 -6.76
CA THR B 139 -5.73 -7.22 -7.34
C THR B 139 -5.07 -6.04 -6.63
N VAL B 140 -4.96 -4.93 -7.34
CA VAL B 140 -4.30 -3.73 -6.85
C VAL B 140 -5.27 -2.86 -6.05
N ASN B 141 -4.83 -2.41 -4.88
CA ASN B 141 -5.54 -1.43 -4.06
C ASN B 141 -6.96 -1.87 -3.63
N ALA B 142 -8.00 -1.31 -4.25
CA ALA B 142 -9.38 -1.64 -3.87
C ALA B 142 -10.04 -2.60 -4.86
N ARG B 143 -9.36 -2.91 -5.96
CA ARG B 143 -9.99 -3.64 -7.06
C ARG B 143 -10.52 -5.01 -6.63
N ASN B 144 -11.68 -5.37 -7.18
CA ASN B 144 -12.39 -6.58 -6.82
C ASN B 144 -12.71 -7.37 -8.10
N PRO B 145 -12.40 -8.67 -8.14
CA PRO B 145 -12.60 -9.53 -9.33
C PRO B 145 -14.01 -9.58 -9.90
N MET B 146 -15.02 -9.16 -9.15
CA MET B 146 -16.41 -9.20 -9.63
C MET B 146 -16.66 -8.29 -10.82
N THR B 147 -15.83 -7.26 -10.98
CA THR B 147 -15.90 -6.39 -12.15
C THR B 147 -15.49 -7.13 -13.44
N GLU B 148 -14.79 -8.25 -13.31
CA GLU B 148 -14.45 -9.12 -14.44
C GLU B 148 -15.38 -10.34 -14.52
N GLY B 149 -16.49 -10.30 -13.77
CA GLY B 149 -17.47 -11.38 -13.76
C GLY B 149 -17.05 -12.62 -12.98
N LYS B 150 -16.09 -12.45 -12.08
CA LYS B 150 -15.59 -13.57 -11.27
C LYS B 150 -16.07 -13.44 -9.82
N LYS B 151 -16.55 -14.54 -9.25
CA LYS B 151 -17.14 -14.53 -7.92
C LYS B 151 -16.08 -14.85 -6.84
N PRO B 152 -15.84 -13.90 -5.92
CA PRO B 152 -14.91 -14.18 -4.82
C PRO B 152 -15.38 -15.31 -3.90
N LEU B 153 -14.45 -16.22 -3.58
CA LEU B 153 -14.69 -17.32 -2.63
C LEU B 153 -13.87 -17.11 -1.34
N MET B 154 -12.69 -16.53 -1.48
CA MET B 154 -11.83 -16.25 -0.33
C MET B 154 -10.91 -15.06 -0.65
N THR B 155 -10.60 -14.27 0.37
CA THR B 155 -9.64 -13.19 0.22
C THR B 155 -8.75 -13.03 1.43
N CYS B 156 -7.53 -12.56 1.16
CA CYS B 156 -6.57 -12.18 2.17
C CYS B 156 -6.11 -10.76 1.86
N ASP B 157 -6.41 -9.83 2.77
CA ASP B 157 -5.95 -8.44 2.67
C ASP B 157 -4.43 -8.42 2.80
N VAL B 158 -3.74 -7.86 1.80
CA VAL B 158 -2.28 -7.71 1.88
C VAL B 158 -1.83 -6.24 1.90
N TRP B 159 -2.76 -5.31 2.14
CA TRP B 159 -2.39 -3.95 2.55
C TRP B 159 -1.55 -4.09 3.81
N GLU B 160 -0.54 -3.25 3.95
CA GLU B 160 0.40 -3.36 5.07
C GLU B 160 -0.29 -3.25 6.44
N HIS B 161 -1.37 -2.48 6.53
CA HIS B 161 -2.11 -2.35 7.79
C HIS B 161 -2.73 -3.65 8.30
N ALA B 162 -2.98 -4.59 7.39
CA ALA B 162 -3.49 -5.91 7.75
C ALA B 162 -2.56 -6.66 8.71
N TYR B 163 -1.26 -6.38 8.64
CA TYR B 163 -0.26 -7.13 9.40
C TYR B 163 0.87 -6.36 10.07
N TYR B 164 1.06 -5.09 9.75
CA TYR B 164 2.28 -4.40 10.20
C TYR B 164 2.39 -4.36 11.73
N ILE B 165 1.26 -4.28 12.41
CA ILE B 165 1.27 -4.29 13.89
C ILE B 165 1.82 -5.61 14.44
N ASP B 166 1.50 -6.72 13.77
CA ASP B 166 1.81 -8.07 14.26
C ASP B 166 3.11 -8.66 13.70
N THR B 167 3.38 -8.44 12.41
CA THR B 167 4.55 -9.02 11.78
C THR B 167 5.48 -8.00 11.11
N ARG B 168 5.17 -6.71 11.25
CA ARG B 168 5.94 -5.64 10.62
C ARG B 168 6.10 -5.91 9.11
N ASN B 169 7.34 -5.94 8.62
CA ASN B 169 7.63 -6.12 7.19
C ASN B 169 7.41 -7.54 6.68
N ASP B 170 7.26 -8.49 7.62
CA ASP B 170 7.21 -9.91 7.29
C ASP B 170 5.81 -10.35 6.89
N ARG B 171 5.43 -10.03 5.65
CA ARG B 171 4.13 -10.44 5.12
C ARG B 171 3.96 -11.97 5.04
N PRO B 172 5.01 -12.70 4.61
CA PRO B 172 4.92 -14.16 4.58
C PRO B 172 4.49 -14.79 5.92
N LYS B 173 5.00 -14.26 7.02
CA LYS B 173 4.60 -14.74 8.36
C LYS B 173 3.12 -14.50 8.62
N TYR B 174 2.62 -13.34 8.20
CA TYR B 174 1.19 -13.01 8.30
C TYR B 174 0.31 -13.97 7.50
N VAL B 175 0.74 -14.29 6.28
CA VAL B 175 -0.04 -15.20 5.42
C VAL B 175 -0.09 -16.60 6.03
N ASN B 176 0.98 -17.02 6.71
CA ASN B 176 0.97 -18.25 7.48
C ASN B 176 -0.03 -18.16 8.63
N ASN B 177 -0.03 -17.01 9.31
CA ASN B 177 -1.02 -16.73 10.35
C ASN B 177 -2.44 -16.76 9.81
N PHE B 178 -2.64 -16.28 8.58
CA PHE B 178 -3.95 -16.33 7.93
C PHE B 178 -4.43 -17.77 7.77
N TRP B 179 -3.55 -18.67 7.33
CA TRP B 179 -3.91 -20.08 7.12
C TRP B 179 -4.40 -20.77 8.41
N GLN B 180 -3.96 -20.30 9.58
CA GLN B 180 -4.38 -20.89 10.84
C GLN B 180 -5.80 -20.51 11.23
N VAL B 181 -6.33 -19.43 10.63
CA VAL B 181 -7.69 -18.97 10.94
C VAL B 181 -8.62 -18.93 9.72
N VAL B 182 -8.15 -19.36 8.56
CA VAL B 182 -8.99 -19.40 7.35
C VAL B 182 -10.30 -20.15 7.63
N ASN B 183 -11.42 -19.55 7.23
CA ASN B 183 -12.75 -20.10 7.47
C ASN B 183 -13.27 -20.83 6.25
N TRP B 184 -12.95 -22.12 6.15
CA TRP B 184 -13.32 -22.93 4.99
C TRP B 184 -14.84 -23.05 4.84
N ASP B 185 -15.56 -23.03 5.96
CA ASP B 185 -17.02 -23.07 5.94
C ASP B 185 -17.60 -21.92 5.09
N PHE B 186 -17.03 -20.73 5.25
CA PHE B 186 -17.45 -19.57 4.47
C PHE B 186 -17.09 -19.75 3.00
N VAL B 187 -15.85 -20.19 2.76
CA VAL B 187 -15.36 -20.40 1.39
C VAL B 187 -16.21 -21.42 0.65
N MET B 188 -16.59 -22.50 1.32
CA MET B 188 -17.42 -23.54 0.72
C MET B 188 -18.85 -23.05 0.47
N LYS B 189 -19.38 -22.26 1.40
CA LYS B 189 -20.69 -21.65 1.23
C LYS B 189 -20.70 -20.78 -0.03
N ASN B 190 -19.62 -20.02 -0.24
CA ASN B 190 -19.47 -19.19 -1.43
C ASN B 190 -19.32 -20.04 -2.69
N PHE B 191 -18.54 -21.12 -2.58
CA PHE B 191 -18.36 -22.08 -3.68
C PHE B 191 -19.67 -22.70 -4.16
N LYS B 192 -20.54 -23.05 -3.21
CA LYS B 192 -21.76 -23.80 -3.53
C LYS B 192 -22.93 -22.95 -4.01
N SER B 193 -23.03 -21.71 -3.54
CA SER B 193 -24.18 -20.85 -3.86
C SER B 193 -24.18 -20.40 -5.32
#